data_3H38
#
_entry.id   3H38
#
_cell.length_a   173.348
_cell.length_b   50.455
_cell.length_c   69.871
_cell.angle_alpha   90.00
_cell.angle_beta   91.00
_cell.angle_gamma   90.00
#
_symmetry.space_group_name_H-M   'C 1 2 1'
#
loop_
_entity.id
_entity.type
_entity.pdbx_description
1 polymer 'TRNA nucleotidyl transferase-related protein'
2 water water
#
_entity_poly.entity_id   1
_entity_poly.type   'polypeptide(L)'
_entity_poly.pdbx_seq_one_letter_code
;MQIFRDVSKLLVERVDPKILNLFRLLGKFGDEVNMPVYVVGGFVRDLLLGIKNLDIDIVVEGNALEFAEYAKRFLPGKLV
KHDKFMTASLFLKGGLRIDIATARLEYYESPAKLPDVEMSTIKKDLYRRDFTINAMAIKLNPKDFGLLIDFFGGYRDLKE
GVIRVLHTLSFVDDPTRILRAIRFEQRFDFRIEETTERLLKQAVEEGYLERTTGPRLRQELEKILEEKNPLKSIRRMAQF
DVIKHLFPKTYYTPSMDEKMENLFRNIPWVEENFGEVDRFYAVLHVFLEFYDDESWKEVRDRYSLRRNLINEIRHVEKSA
PALLEMLSERVPASFVYPLVKGVSNETICHFLAYLSGEKEGLFKSYLLKIKNTKLEKINGEYLIRKGITSGKIIGEVLEK
ILMKKLDGDTRDEEEILEEVLASLETEGKLAAALEHHHHHH
;
_entity_poly.pdbx_strand_id   A
#
# COMPACT_ATOMS: atom_id res chain seq x y z
N MET A 1 34.69 10.21 9.35
CA MET A 1 33.58 9.45 8.82
C MET A 1 33.90 8.91 7.48
N GLN A 2 33.94 7.59 7.39
CA GLN A 2 34.36 6.87 6.20
C GLN A 2 33.32 6.90 5.09
N ILE A 3 33.74 7.27 3.92
CA ILE A 3 32.89 7.30 2.78
C ILE A 3 33.04 6.08 1.91
N PHE A 4 34.26 5.72 1.61
CA PHE A 4 34.52 4.58 0.73
C PHE A 4 35.01 3.35 1.49
N ARG A 5 34.44 2.20 1.12
CA ARG A 5 34.65 0.96 1.85
C ARG A 5 34.57 -0.20 0.85
N ASP A 6 35.42 -1.20 0.99
CA ASP A 6 35.44 -2.30 0.02
C ASP A 6 34.46 -3.34 0.50
N VAL A 7 33.34 -3.50 -0.21
CA VAL A 7 32.34 -4.51 0.20
C VAL A 7 32.31 -5.70 -0.74
N SER A 8 33.45 -5.94 -1.40
CA SER A 8 33.61 -7.03 -2.36
C SER A 8 33.35 -8.40 -1.80
N LYS A 9 33.89 -8.68 -0.64
CA LYS A 9 33.70 -9.95 0.02
C LYS A 9 32.25 -10.16 0.33
N LEU A 10 31.61 -9.15 0.89
CA LEU A 10 30.23 -9.21 1.24
C LEU A 10 29.35 -9.50 0.04
N LEU A 11 29.65 -8.93 -1.10
CA LEU A 11 28.87 -9.18 -2.31
C LEU A 11 28.98 -10.63 -2.76
N VAL A 12 30.22 -11.15 -2.79
CA VAL A 12 30.42 -12.51 -3.26
C VAL A 12 29.76 -13.47 -2.29
N GLU A 13 29.81 -13.14 -1.00
CA GLU A 13 29.12 -13.94 0.00
C GLU A 13 27.60 -13.92 -0.24
N ARG A 14 26.98 -12.76 -0.26
CA ARG A 14 25.54 -12.69 -0.28
C ARG A 14 24.83 -12.77 -1.61
N VAL A 15 25.46 -12.41 -2.69
CA VAL A 15 24.76 -12.31 -3.98
C VAL A 15 24.93 -13.55 -4.85
N ASP A 16 23.84 -13.97 -5.49
CA ASP A 16 23.89 -15.08 -6.45
C ASP A 16 25.00 -14.79 -7.46
N PRO A 17 25.85 -15.78 -7.72
CA PRO A 17 26.97 -15.63 -8.65
C PRO A 17 26.53 -15.33 -10.09
N LYS A 18 25.46 -15.91 -10.54
CA LYS A 18 25.06 -15.67 -11.90
C LYS A 18 24.88 -14.18 -12.10
N ILE A 19 24.31 -13.57 -11.08
CA ILE A 19 24.00 -12.16 -11.00
C ILE A 19 25.21 -11.27 -10.68
N LEU A 20 26.10 -11.76 -9.81
CA LEU A 20 27.35 -11.08 -9.56
C LEU A 20 28.11 -10.88 -10.84
N ASN A 21 28.16 -11.93 -11.66
CA ASN A 21 28.90 -11.87 -12.92
C ASN A 21 28.34 -10.86 -13.88
N LEU A 22 27.03 -10.66 -13.78
CA LEU A 22 26.30 -9.64 -14.52
C LEU A 22 26.71 -8.22 -14.11
N PHE A 23 26.65 -7.95 -12.80
CA PHE A 23 27.14 -6.69 -12.24
C PHE A 23 28.54 -6.43 -12.81
N ARG A 24 29.35 -7.47 -12.87
CA ARG A 24 30.70 -7.37 -13.45
C ARG A 24 30.67 -6.95 -14.92
N LEU A 25 29.89 -7.64 -15.71
CA LEU A 25 29.75 -7.30 -17.11
C LEU A 25 29.33 -5.89 -17.30
N LEU A 26 28.36 -5.45 -16.52
CA LEU A 26 27.85 -4.10 -16.62
C LEU A 26 28.96 -3.10 -16.33
N GLY A 27 29.77 -3.41 -15.33
CA GLY A 27 30.89 -2.55 -14.97
C GLY A 27 31.79 -2.43 -16.18
N LYS A 28 32.08 -3.59 -16.75
CA LYS A 28 32.94 -3.72 -17.91
C LYS A 28 32.42 -2.95 -19.10
N PHE A 29 31.11 -3.02 -19.38
CA PHE A 29 30.51 -2.19 -20.42
C PHE A 29 30.70 -0.72 -20.11
N GLY A 30 30.67 -0.38 -18.82
CA GLY A 30 30.82 1.01 -18.40
C GLY A 30 32.14 1.55 -18.92
N ASP A 31 33.22 0.85 -18.62
CA ASP A 31 34.56 1.23 -19.08
C ASP A 31 34.65 1.32 -20.59
N GLU A 32 34.00 0.39 -21.28
CA GLU A 32 34.13 0.28 -22.73
C GLU A 32 33.39 1.39 -23.44
N VAL A 33 32.52 2.09 -22.71
CA VAL A 33 31.83 3.25 -23.24
C VAL A 33 32.07 4.46 -22.34
N ASN A 34 33.07 4.36 -21.48
CA ASN A 34 33.47 5.49 -20.65
C ASN A 34 32.38 6.10 -19.76
N MET A 35 31.58 5.24 -19.15
CA MET A 35 30.60 5.67 -18.13
C MET A 35 30.88 4.96 -16.83
N PRO A 36 30.99 5.72 -15.72
CA PRO A 36 31.01 5.07 -14.40
C PRO A 36 29.69 4.39 -14.09
N VAL A 37 29.71 3.12 -13.70
CA VAL A 37 28.49 2.36 -13.42
C VAL A 37 28.32 2.03 -11.92
N TYR A 38 27.10 2.14 -11.41
CA TYR A 38 26.77 1.84 -10.02
C TYR A 38 25.43 1.12 -9.81
N VAL A 39 25.38 0.26 -8.81
CA VAL A 39 24.12 -0.23 -8.30
C VAL A 39 23.79 0.65 -7.08
N VAL A 40 22.53 1.02 -6.91
CA VAL A 40 22.16 2.01 -5.89
C VAL A 40 20.95 1.62 -5.06
N GLY A 41 20.76 2.32 -3.94
CA GLY A 41 19.49 2.31 -3.24
C GLY A 41 19.18 1.13 -2.36
N GLY A 42 17.96 0.59 -2.51
CA GLY A 42 17.44 -0.45 -1.62
C GLY A 42 18.28 -1.70 -1.71
N PHE A 43 18.64 -2.04 -2.93
CA PHE A 43 19.53 -3.18 -3.11
C PHE A 43 20.78 -3.10 -2.24
N VAL A 44 21.34 -1.91 -2.10
CA VAL A 44 22.57 -1.77 -1.32
C VAL A 44 22.26 -1.81 0.19
N ARG A 45 21.20 -1.10 0.59
CA ARG A 45 20.65 -1.20 1.93
C ARG A 45 20.44 -2.67 2.32
N ASP A 46 19.70 -3.37 1.46
CA ASP A 46 19.33 -4.75 1.67
C ASP A 46 20.57 -5.65 1.79
N LEU A 47 21.53 -5.47 0.90
CA LEU A 47 22.78 -6.22 0.98
C LEU A 47 23.41 -6.10 2.36
N LEU A 48 23.54 -4.87 2.84
CA LEU A 48 24.23 -4.62 4.11
C LEU A 48 23.41 -5.16 5.31
N LEU A 49 22.07 -5.10 5.21
CA LEU A 49 21.20 -5.71 6.24
C LEU A 49 21.13 -7.22 6.10
N GLY A 50 21.69 -7.74 5.02
CA GLY A 50 21.61 -9.16 4.74
C GLY A 50 20.19 -9.57 4.41
N ILE A 51 19.51 -8.74 3.61
CA ILE A 51 18.13 -8.99 3.21
C ILE A 51 18.05 -9.25 1.71
N LYS A 52 17.59 -10.41 1.34
CA LYS A 52 17.46 -10.76 -0.04
C LYS A 52 16.74 -9.68 -0.79
N ASN A 53 17.27 -9.33 -1.94
CA ASN A 53 16.71 -8.24 -2.76
C ASN A 53 17.11 -8.51 -4.19
N LEU A 54 16.19 -9.02 -5.00
CA LEU A 54 16.61 -9.64 -6.24
C LEU A 54 16.90 -8.69 -7.38
N ASP A 55 16.12 -7.63 -7.45
CA ASP A 55 16.12 -6.78 -8.63
C ASP A 55 17.41 -5.99 -8.81
N ILE A 56 17.65 -5.53 -10.02
CA ILE A 56 18.89 -4.82 -10.32
C ILE A 56 18.64 -3.39 -10.85
N ASP A 57 19.19 -2.42 -10.14
CA ASP A 57 18.87 -1.03 -10.35
C ASP A 57 20.15 -0.25 -10.65
N ILE A 58 20.36 0.12 -11.92
CA ILE A 58 21.67 0.68 -12.35
C ILE A 58 21.70 2.18 -12.60
N VAL A 59 22.71 2.83 -12.04
CA VAL A 59 22.94 4.24 -12.32
C VAL A 59 24.25 4.50 -13.11
N VAL A 60 24.15 5.24 -14.23
CA VAL A 60 25.37 5.51 -15.00
C VAL A 60 25.64 7.01 -15.04
N GLU A 61 26.92 7.39 -14.97
CA GLU A 61 27.25 8.79 -15.23
C GLU A 61 27.51 8.92 -16.72
N GLY A 62 26.43 9.01 -17.49
CA GLY A 62 26.47 9.17 -18.91
C GLY A 62 25.09 8.94 -19.44
N ASN A 63 24.97 8.67 -20.74
CA ASN A 63 23.68 8.52 -21.41
C ASN A 63 23.11 7.12 -21.21
N ALA A 64 22.00 7.02 -20.47
CA ALA A 64 21.37 5.75 -20.16
C ALA A 64 21.09 4.89 -21.41
N LEU A 65 20.54 5.51 -22.44
CA LEU A 65 20.27 4.79 -23.69
C LEU A 65 21.49 4.26 -24.40
N GLU A 66 22.50 5.08 -24.60
CA GLU A 66 23.73 4.57 -25.12
C GLU A 66 24.09 3.29 -24.45
N PHE A 67 24.05 3.30 -23.13
CA PHE A 67 24.52 2.19 -22.31
C PHE A 67 23.60 0.98 -22.46
N ALA A 68 22.31 1.20 -22.31
CA ALA A 68 21.36 0.11 -22.51
C ALA A 68 21.55 -0.51 -23.90
N GLU A 69 21.69 0.31 -24.92
CA GLU A 69 21.89 -0.18 -26.27
C GLU A 69 23.14 -1.03 -26.38
N TYR A 70 24.22 -0.52 -25.84
CA TYR A 70 25.50 -1.22 -25.80
C TYR A 70 25.38 -2.54 -25.06
N ALA A 71 24.80 -2.46 -23.86
CA ALA A 71 24.50 -3.65 -23.05
C ALA A 71 23.68 -4.65 -23.84
N LYS A 72 22.70 -4.17 -24.59
CA LYS A 72 21.77 -5.05 -25.25
C LYS A 72 22.43 -6.01 -26.18
N ARG A 73 23.48 -5.60 -26.86
CA ARG A 73 24.09 -6.47 -27.83
C ARG A 73 25.01 -7.51 -27.28
N PHE A 74 25.04 -7.64 -25.97
CA PHE A 74 25.86 -8.66 -25.35
C PHE A 74 25.00 -9.40 -24.36
N LEU A 75 23.87 -8.78 -24.05
CA LEU A 75 22.86 -9.36 -23.18
C LEU A 75 21.53 -9.39 -23.92
N PRO A 76 21.29 -10.47 -24.68
CA PRO A 76 20.09 -10.59 -25.51
C PRO A 76 18.81 -10.43 -24.69
N GLY A 77 18.09 -9.34 -24.94
CA GLY A 77 16.85 -9.08 -24.25
C GLY A 77 16.04 -7.98 -24.94
N LYS A 78 14.93 -7.61 -24.32
CA LYS A 78 14.09 -6.59 -24.90
C LYS A 78 14.28 -5.25 -24.25
N LEU A 79 14.52 -4.27 -25.07
CA LEU A 79 14.92 -2.96 -24.56
C LEU A 79 13.78 -1.94 -24.64
N VAL A 80 13.23 -1.61 -23.49
CA VAL A 80 12.14 -0.64 -23.37
C VAL A 80 12.73 0.73 -22.98
N LYS A 81 12.44 1.78 -23.74
CA LYS A 81 12.79 3.11 -23.25
C LYS A 81 11.76 3.46 -22.25
N HIS A 82 11.70 4.71 -21.83
CA HIS A 82 10.73 5.04 -20.82
C HIS A 82 10.46 6.47 -20.90
N ASP A 83 9.48 6.88 -20.13
CA ASP A 83 9.23 8.27 -19.95
C ASP A 83 9.73 8.52 -18.55
N LYS A 84 10.98 8.95 -18.47
CA LYS A 84 11.68 9.44 -17.27
C LYS A 84 12.90 10.05 -17.91
N PHE A 85 13.42 11.13 -17.39
CA PHE A 85 14.33 11.93 -18.16
C PHE A 85 15.33 11.12 -18.95
N MET A 86 15.94 10.12 -18.35
CA MET A 86 16.79 9.16 -19.07
C MET A 86 16.75 7.78 -18.43
N THR A 87 15.78 6.98 -18.84
CA THR A 87 15.47 5.78 -18.13
C THR A 87 15.17 4.67 -19.12
N ALA A 88 15.73 3.51 -18.84
CA ALA A 88 15.56 2.39 -19.74
C ALA A 88 15.49 1.16 -18.89
N SER A 89 14.95 0.09 -19.46
CA SER A 89 14.96 -1.22 -18.81
C SER A 89 15.29 -2.30 -19.84
N LEU A 90 16.23 -3.16 -19.53
CA LEU A 90 16.52 -4.25 -20.42
C LEU A 90 15.95 -5.49 -19.79
N PHE A 91 15.04 -6.10 -20.51
CA PHE A 91 14.41 -7.34 -20.07
C PHE A 91 15.11 -8.53 -20.71
N LEU A 92 15.89 -9.25 -19.92
CA LEU A 92 16.65 -10.40 -20.42
C LEU A 92 15.76 -11.64 -20.54
N LYS A 93 15.91 -12.33 -21.65
CA LYS A 93 15.13 -13.54 -21.90
C LYS A 93 15.28 -14.57 -20.77
N GLY A 94 16.47 -14.60 -20.17
CA GLY A 94 16.72 -15.48 -19.04
C GLY A 94 15.74 -15.27 -17.90
N GLY A 95 15.05 -14.13 -17.93
CA GLY A 95 14.06 -13.80 -16.91
C GLY A 95 14.21 -12.43 -16.28
N LEU A 96 15.40 -12.14 -15.75
CA LEU A 96 15.60 -10.94 -14.95
C LEU A 96 15.71 -9.67 -15.79
N ARG A 97 15.47 -8.54 -15.14
CA ARG A 97 15.37 -7.27 -15.86
C ARG A 97 16.20 -6.14 -15.26
N ILE A 98 16.96 -5.48 -16.13
CA ILE A 98 17.90 -4.43 -15.75
C ILE A 98 17.26 -3.05 -15.92
N ASP A 99 17.14 -2.32 -14.81
CA ASP A 99 16.77 -0.91 -14.87
C ASP A 99 18.06 -0.12 -15.06
N ILE A 100 17.99 0.94 -15.86
CA ILE A 100 19.16 1.75 -16.12
C ILE A 100 18.77 3.20 -16.20
N ALA A 101 19.37 4.02 -15.34
CA ALA A 101 19.10 5.45 -15.32
C ALA A 101 20.39 6.28 -15.25
N THR A 102 20.35 7.46 -15.85
CA THR A 102 21.44 8.44 -15.83
C THR A 102 21.48 9.16 -14.48
N ALA A 103 22.66 9.33 -13.90
CA ALA A 103 22.75 10.07 -12.62
C ALA A 103 22.16 11.47 -12.75
N ARG A 104 21.27 11.85 -11.82
CA ARG A 104 20.61 13.17 -11.94
C ARG A 104 20.55 13.97 -10.65
N LEU A 105 20.49 15.29 -10.78
CA LEU A 105 20.24 16.13 -9.61
C LEU A 105 18.79 16.59 -9.61
N GLU A 106 18.36 17.08 -8.45
CA GLU A 106 17.04 17.69 -8.33
C GLU A 106 17.23 19.01 -7.68
N TYR A 107 16.68 20.05 -8.30
CA TYR A 107 16.70 21.36 -7.69
C TYR A 107 15.26 21.74 -7.48
N TYR A 108 14.95 22.24 -6.27
CA TYR A 108 13.57 22.61 -5.91
C TYR A 108 13.29 24.10 -5.92
N GLU A 109 12.49 24.55 -6.86
CA GLU A 109 12.12 25.96 -6.94
C GLU A 109 11.05 26.23 -5.86
N SER A 110 10.16 25.27 -5.67
CA SER A 110 9.08 25.30 -4.70
C SER A 110 8.94 23.98 -3.98
N PRO A 111 8.07 23.87 -2.99
CA PRO A 111 7.90 22.56 -2.35
C PRO A 111 6.94 21.70 -3.17
N ALA A 112 7.30 21.43 -4.43
CA ALA A 112 6.50 20.61 -5.33
C ALA A 112 7.37 19.63 -6.12
N LYS A 113 7.26 19.70 -7.45
CA LYS A 113 8.05 18.85 -8.37
C LYS A 113 9.34 19.56 -8.91
N LEU A 114 10.49 18.94 -8.66
CA LEU A 114 11.84 19.48 -8.90
C LEU A 114 12.30 19.53 -10.38
N PRO A 115 13.16 20.52 -10.73
CA PRO A 115 13.94 20.33 -11.96
C PRO A 115 15.07 19.30 -11.91
N ASP A 116 15.14 18.56 -13.00
CA ASP A 116 16.13 17.52 -13.13
C ASP A 116 17.03 17.86 -14.30
N VAL A 117 18.30 17.64 -14.11
CA VAL A 117 19.23 17.61 -15.16
C VAL A 117 20.10 16.45 -14.86
N GLU A 118 20.59 15.85 -15.91
CA GLU A 118 21.37 14.65 -15.83
C GLU A 118 22.63 15.10 -15.23
N MET A 119 22.78 16.40 -15.18
CA MET A 119 24.02 17.05 -15.06
C MET A 119 24.23 16.86 -13.63
N SER A 120 24.54 15.62 -13.34
CA SER A 120 24.86 15.23 -12.07
C SER A 120 25.84 14.12 -12.14
N THR A 121 26.68 14.17 -11.15
CA THR A 121 27.58 13.15 -10.77
C THR A 121 26.76 12.24 -9.91
N ILE A 122 27.33 11.13 -9.51
CA ILE A 122 26.62 10.19 -8.67
C ILE A 122 26.35 10.85 -7.31
N LYS A 123 27.22 11.76 -6.90
CA LYS A 123 27.04 12.39 -5.62
C LYS A 123 25.67 13.05 -5.53
N LYS A 124 25.40 13.94 -6.46
CA LYS A 124 24.17 14.68 -6.52
C LYS A 124 22.97 13.79 -6.67
N ASP A 125 23.13 12.74 -7.43
CA ASP A 125 22.04 11.79 -7.62
C ASP A 125 21.69 11.05 -6.34
N LEU A 126 22.66 10.94 -5.43
CA LEU A 126 22.43 10.24 -4.15
C LEU A 126 21.88 11.26 -3.14
N TYR A 127 22.44 12.47 -3.21
CA TYR A 127 22.11 13.55 -2.32
C TYR A 127 20.65 13.94 -2.39
N ARG A 128 19.95 13.55 -3.46
CA ARG A 128 18.57 13.94 -3.67
C ARG A 128 17.59 12.88 -3.17
N ARG A 129 18.12 11.75 -2.70
CA ARG A 129 17.28 10.65 -2.23
C ARG A 129 16.86 10.84 -0.76
N ASP A 130 15.90 10.04 -0.30
CA ASP A 130 15.19 10.39 0.92
C ASP A 130 15.99 10.28 2.24
N PHE A 131 16.56 9.11 2.50
CA PHE A 131 17.23 8.83 3.78
C PHE A 131 18.61 8.21 3.59
N THR A 132 19.49 8.41 4.57
CA THR A 132 20.89 7.97 4.45
C THR A 132 21.01 6.49 4.13
N ILE A 133 20.12 5.68 4.67
CA ILE A 133 20.21 4.27 4.39
C ILE A 133 19.79 3.92 2.96
N ASN A 134 19.05 4.82 2.32
CA ASN A 134 18.65 4.61 0.92
C ASN A 134 19.56 5.29 -0.11
N ALA A 135 20.63 5.96 0.36
CA ALA A 135 21.41 6.91 -0.46
C ALA A 135 22.84 6.43 -0.71
N MET A 136 22.98 5.13 -0.91
CA MET A 136 24.28 4.52 -0.99
C MET A 136 24.44 3.83 -2.32
N ALA A 137 25.67 3.76 -2.76
CA ALA A 137 25.94 3.18 -4.05
C ALA A 137 27.14 2.24 -3.96
N ILE A 138 27.22 1.35 -4.93
CA ILE A 138 28.37 0.49 -5.08
C ILE A 138 28.76 0.56 -6.54
N LYS A 139 30.03 0.84 -6.77
CA LYS A 139 30.52 1.07 -8.11
C LYS A 139 30.82 -0.25 -8.77
N LEU A 140 30.39 -0.41 -10.02
CA LEU A 140 30.62 -1.64 -10.77
C LEU A 140 31.81 -1.67 -11.75
N ASN A 141 32.43 -0.53 -12.05
CA ASN A 141 33.53 -0.52 -13.00
C ASN A 141 34.68 -1.33 -12.41
N PRO A 142 35.39 -2.10 -13.27
CA PRO A 142 36.38 -3.12 -12.87
C PRO A 142 37.37 -2.68 -11.78
N LYS A 143 38.11 -1.60 -11.98
CA LYS A 143 39.04 -1.18 -10.93
C LYS A 143 38.34 -0.90 -9.59
N ASP A 144 37.13 -0.36 -9.62
CA ASP A 144 36.46 0.03 -8.37
C ASP A 144 35.35 -0.92 -7.95
N PHE A 145 35.24 -2.05 -8.64
CA PHE A 145 34.19 -3.03 -8.34
C PHE A 145 34.07 -3.35 -6.84
N GLY A 146 32.85 -3.22 -6.30
CA GLY A 146 32.59 -3.52 -4.90
C GLY A 146 32.90 -2.39 -3.93
N LEU A 147 33.08 -1.19 -4.48
CA LEU A 147 33.34 0.00 -3.66
C LEU A 147 32.04 0.61 -3.13
N LEU A 148 31.88 0.62 -1.82
CA LEU A 148 30.72 1.24 -1.22
C LEU A 148 31.03 2.74 -1.27
N ILE A 149 30.10 3.48 -1.86
CA ILE A 149 30.19 4.92 -1.80
C ILE A 149 29.09 5.41 -0.91
N ASP A 150 29.49 5.93 0.24
CA ASP A 150 28.54 6.32 1.27
C ASP A 150 28.88 7.70 1.81
N PHE A 151 28.27 8.71 1.21
CA PHE A 151 28.64 10.08 1.47
C PHE A 151 28.01 10.51 2.78
N PHE A 152 26.92 9.83 3.18
CA PHE A 152 26.02 10.42 4.16
C PHE A 152 25.88 9.76 5.53
N GLY A 153 26.64 8.70 5.78
CA GLY A 153 26.63 8.06 7.09
C GLY A 153 25.59 6.96 7.14
N GLY A 154 25.22 6.47 5.96
CA GLY A 154 24.27 5.40 5.80
C GLY A 154 24.65 4.05 6.37
N TYR A 155 25.93 3.67 6.25
CA TYR A 155 26.43 2.38 6.81
C TYR A 155 26.23 2.37 8.31
N ARG A 156 26.77 3.42 8.93
CA ARG A 156 26.65 3.71 10.34
C ARG A 156 25.18 3.80 10.78
N ASP A 157 24.32 4.40 9.97
CA ASP A 157 22.92 4.61 10.36
C ASP A 157 22.15 3.29 10.32
N LEU A 158 22.58 2.35 9.49
CA LEU A 158 22.06 0.98 9.54
C LEU A 158 22.41 0.30 10.88
N LYS A 159 23.69 0.36 11.27
CA LYS A 159 24.16 -0.28 12.49
C LYS A 159 23.57 0.35 13.75
N GLU A 160 22.92 1.50 13.59
CA GLU A 160 22.30 2.20 14.71
C GLU A 160 20.78 2.26 14.58
N GLY A 161 20.28 1.60 13.53
CA GLY A 161 18.84 1.49 13.30
C GLY A 161 18.14 2.82 13.14
N VAL A 162 18.75 3.70 12.32
CA VAL A 162 18.35 5.11 12.24
C VAL A 162 17.80 5.54 10.88
N ILE A 163 16.69 6.27 10.92
CA ILE A 163 16.15 6.93 9.73
C ILE A 163 16.56 8.40 9.81
N ARG A 164 17.35 8.84 8.85
CA ARG A 164 17.89 10.19 8.84
C ARG A 164 17.83 10.77 7.43
N VAL A 165 17.34 12.00 7.30
CA VAL A 165 17.32 12.69 6.02
C VAL A 165 18.71 13.27 5.68
N LEU A 166 18.95 13.53 4.39
CA LEU A 166 20.27 14.00 3.95
C LEU A 166 20.55 15.50 4.10
N HIS A 167 19.52 16.32 4.29
CA HIS A 167 19.69 17.77 4.49
C HIS A 167 18.44 18.35 5.15
N THR A 168 18.57 19.61 5.57
CA THR A 168 17.52 20.33 6.34
C THR A 168 16.17 20.61 5.66
N LEU A 169 16.11 20.64 4.34
CA LEU A 169 14.89 21.01 3.66
C LEU A 169 14.24 19.77 3.09
N SER A 170 14.66 18.62 3.59
CA SER A 170 14.22 17.38 2.96
C SER A 170 12.69 17.17 3.04
N PHE A 171 12.09 17.53 4.16
CA PHE A 171 10.64 17.35 4.29
C PHE A 171 9.87 18.41 3.55
N VAL A 172 10.42 19.62 3.56
CA VAL A 172 9.80 20.80 2.97
C VAL A 172 9.78 20.67 1.44
N ASP A 173 10.92 20.27 0.88
CA ASP A 173 11.09 19.82 -0.51
C ASP A 173 10.05 18.77 -0.95
N ASP A 174 10.06 17.61 -0.30
CA ASP A 174 9.10 16.54 -0.60
C ASP A 174 8.47 15.98 0.68
N PRO A 175 7.30 16.53 1.06
CA PRO A 175 6.64 16.21 2.33
C PRO A 175 6.16 14.77 2.33
N THR A 176 6.26 14.15 1.16
CA THR A 176 5.90 12.76 0.95
C THR A 176 6.80 11.86 1.82
N ARG A 177 7.98 12.38 2.15
CA ARG A 177 8.96 11.68 2.95
C ARG A 177 8.55 11.62 4.41
N ILE A 178 7.51 12.38 4.75
CA ILE A 178 6.99 12.33 6.11
C ILE A 178 6.38 10.94 6.32
N LEU A 179 5.63 10.46 5.34
CA LEU A 179 4.97 9.14 5.39
C LEU A 179 6.00 8.04 5.15
N ARG A 180 6.92 8.28 4.21
CA ARG A 180 7.99 7.32 3.89
C ARG A 180 8.89 7.01 5.08
N ALA A 181 9.18 8.04 5.88
CA ALA A 181 10.00 7.84 7.08
C ALA A 181 9.34 6.88 8.05
N ILE A 182 8.07 7.12 8.34
CA ILE A 182 7.36 6.20 9.20
C ILE A 182 7.39 4.80 8.58
N ARG A 183 7.13 4.70 7.30
CA ARG A 183 7.11 3.43 6.65
C ARG A 183 8.37 2.62 6.78
N PHE A 184 9.52 3.20 6.55
CA PHE A 184 10.78 2.48 6.71
C PHE A 184 11.13 2.34 8.19
N GLU A 185 10.63 3.26 9.01
CA GLU A 185 10.76 3.10 10.46
C GLU A 185 10.12 1.80 10.96
N GLN A 186 8.89 1.53 10.53
CA GLN A 186 8.28 0.27 10.95
C GLN A 186 8.79 -0.92 10.15
N ARG A 187 9.21 -0.71 8.91
CA ARG A 187 9.61 -1.84 8.04
C ARG A 187 10.89 -2.58 8.47
N PHE A 188 11.87 -1.83 8.97
CA PHE A 188 12.98 -2.41 9.74
C PHE A 188 12.60 -2.03 11.13
N ASP A 189 13.39 -2.34 12.14
CA ASP A 189 12.91 -1.86 13.44
C ASP A 189 13.62 -0.56 13.79
N PHE A 190 13.36 0.47 12.99
CA PHE A 190 14.19 1.65 13.09
C PHE A 190 13.55 2.78 13.83
N ARG A 191 14.38 3.72 14.26
CA ARG A 191 13.89 4.93 14.89
C ARG A 191 14.31 6.14 14.04
N ILE A 192 13.47 7.16 14.03
CA ILE A 192 13.80 8.43 13.40
C ILE A 192 14.68 9.27 14.33
N GLU A 193 15.92 9.49 13.94
CA GLU A 193 16.85 10.16 14.84
C GLU A 193 16.33 11.54 15.16
N GLU A 194 16.70 12.03 16.32
CA GLU A 194 16.25 13.28 16.85
C GLU A 194 16.09 14.43 15.91
N THR A 195 17.17 14.82 15.29
CA THR A 195 17.15 15.98 14.40
C THR A 195 16.13 15.83 13.28
N THR A 196 16.14 14.70 12.60
CA THR A 196 15.19 14.52 11.52
C THR A 196 13.77 14.50 12.06
N GLU A 197 13.59 13.99 13.27
CA GLU A 197 12.27 13.99 13.91
C GLU A 197 11.72 15.40 14.10
N ARG A 198 12.53 16.28 14.65
CA ARG A 198 12.15 17.63 14.70
C ARG A 198 11.81 18.23 13.38
N LEU A 199 12.61 17.94 12.37
CA LEU A 199 12.33 18.42 11.02
C LEU A 199 10.96 17.95 10.51
N LEU A 200 10.64 16.70 10.80
CA LEU A 200 9.38 16.08 10.42
C LEU A 200 8.20 16.84 11.04
N LYS A 201 8.32 17.12 12.34
CA LYS A 201 7.26 17.78 13.09
C LYS A 201 6.98 19.18 12.60
N GLN A 202 8.05 19.91 12.27
CA GLN A 202 7.93 21.27 11.76
C GLN A 202 7.09 21.25 10.49
N ALA A 203 7.52 20.41 9.56
CA ALA A 203 6.87 20.26 8.25
C ALA A 203 5.40 19.93 8.44
N VAL A 204 5.12 18.99 9.34
CA VAL A 204 3.73 18.59 9.59
C VAL A 204 2.94 19.78 10.10
N GLU A 205 3.44 20.43 11.13
CA GLU A 205 2.66 21.51 11.72
C GLU A 205 2.79 22.86 11.01
N GLU A 206 3.52 22.95 9.90
CA GLU A 206 3.52 24.19 9.12
C GLU A 206 2.77 24.09 7.78
N GLY A 207 2.04 23.01 7.55
CA GLY A 207 1.14 22.91 6.41
C GLY A 207 1.68 22.20 5.18
N TYR A 208 2.78 21.50 5.34
CA TYR A 208 3.45 20.98 4.16
C TYR A 208 2.73 19.83 3.45
N LEU A 209 2.08 18.98 4.23
CA LEU A 209 1.25 17.90 3.71
C LEU A 209 0.14 18.47 2.79
N GLU A 210 -0.62 19.45 3.29
CA GLU A 210 -1.63 20.10 2.47
C GLU A 210 -1.03 20.72 1.22
N ARG A 211 0.21 21.18 1.34
CA ARG A 211 0.84 21.83 0.19
C ARG A 211 1.21 20.82 -0.87
N THR A 212 1.34 19.54 -0.50
CA THR A 212 1.60 18.52 -1.52
C THR A 212 0.31 18.01 -2.17
N THR A 213 0.41 17.40 -3.34
CA THR A 213 -0.79 16.98 -4.06
C THR A 213 -1.33 15.68 -3.49
N GLY A 214 -2.64 15.52 -3.58
CA GLY A 214 -3.31 14.31 -3.14
C GLY A 214 -2.74 13.00 -3.64
N PRO A 215 -2.65 12.84 -4.97
CA PRO A 215 -2.22 11.58 -5.59
C PRO A 215 -0.83 11.11 -5.12
N ARG A 216 0.07 12.05 -4.83
CA ARG A 216 1.40 11.66 -4.42
C ARG A 216 1.28 11.07 -3.02
N LEU A 217 0.55 11.78 -2.17
CA LEU A 217 0.28 11.37 -0.81
C LEU A 217 -0.46 10.02 -0.78
N ARG A 218 -1.45 9.85 -1.64
CA ARG A 218 -2.26 8.64 -1.60
C ARG A 218 -1.32 7.47 -1.88
N GLN A 219 -0.43 7.69 -2.83
CA GLN A 219 0.39 6.59 -3.24
C GLN A 219 1.36 6.17 -2.13
N GLU A 220 1.86 7.12 -1.36
CA GLU A 220 2.71 6.77 -0.24
C GLU A 220 1.86 6.10 0.84
N LEU A 221 0.58 6.46 0.86
CA LEU A 221 -0.36 5.84 1.79
C LEU A 221 -0.62 4.39 1.43
N GLU A 222 -0.92 4.10 0.17
CA GLU A 222 -1.17 2.71 -0.19
C GLU A 222 0.07 1.90 0.16
N LYS A 223 1.21 2.48 -0.08
CA LYS A 223 2.47 1.82 0.16
C LYS A 223 2.68 1.49 1.61
N ILE A 224 2.42 2.42 2.49
CA ILE A 224 2.31 2.09 3.91
C ILE A 224 1.36 0.91 4.17
N LEU A 225 0.19 0.92 3.53
CA LEU A 225 -0.80 -0.12 3.80
C LEU A 225 -0.31 -1.49 3.40
N GLU A 226 0.55 -1.55 2.42
CA GLU A 226 1.06 -2.82 1.99
C GLU A 226 2.30 -3.22 2.74
N GLU A 227 2.75 -2.40 3.66
CA GLU A 227 3.93 -2.75 4.45
C GLU A 227 3.57 -3.80 5.49
N LYS A 228 4.52 -4.25 6.28
CA LYS A 228 4.21 -5.32 7.19
C LYS A 228 3.27 -5.08 8.35
N ASN A 229 3.48 -4.03 9.14
CA ASN A 229 2.58 -3.80 10.26
C ASN A 229 1.98 -2.44 10.18
N PRO A 230 0.95 -2.32 9.37
CA PRO A 230 0.34 -1.04 9.01
C PRO A 230 -0.12 -0.32 10.26
N LEU A 231 -0.67 -1.07 11.21
CA LEU A 231 -1.28 -0.48 12.40
C LEU A 231 -0.26 0.32 13.20
N LYS A 232 0.97 -0.14 13.21
CA LYS A 232 2.07 0.52 13.84
C LYS A 232 2.36 1.85 13.25
N SER A 233 2.31 1.88 11.93
CA SER A 233 2.57 3.05 11.09
C SER A 233 1.48 4.10 11.31
N ILE A 234 0.25 3.63 11.21
CA ILE A 234 -0.93 4.42 11.49
C ILE A 234 -0.84 5.06 12.89
N ARG A 235 -0.40 4.30 13.88
CA ARG A 235 -0.36 4.87 15.23
C ARG A 235 0.77 5.84 15.28
N ARG A 236 1.76 5.60 14.42
CA ARG A 236 2.92 6.48 14.38
C ARG A 236 2.50 7.82 13.74
N MET A 237 1.72 7.77 12.67
CA MET A 237 1.17 8.97 12.03
C MET A 237 0.40 9.78 13.06
N ALA A 238 -0.42 9.09 13.84
CA ALA A 238 -1.23 9.77 14.82
C ALA A 238 -0.31 10.37 15.88
N GLN A 239 0.73 9.68 16.26
CA GLN A 239 1.65 10.21 17.21
C GLN A 239 2.22 11.48 16.70
N PHE A 240 2.39 11.55 15.39
CA PHE A 240 2.99 12.74 14.76
C PHE A 240 1.96 13.76 14.30
N ASP A 241 0.69 13.48 14.55
CA ASP A 241 -0.40 14.37 14.11
C ASP A 241 -0.61 14.39 12.61
N VAL A 242 -0.12 13.39 11.91
CA VAL A 242 -0.21 13.37 10.44
C VAL A 242 -1.63 13.17 9.96
N ILE A 243 -2.34 12.21 10.59
CA ILE A 243 -3.64 11.83 10.08
C ILE A 243 -4.56 13.03 9.88
N LYS A 244 -4.62 13.93 10.87
CA LYS A 244 -5.51 15.08 10.78
C LYS A 244 -5.14 16.08 9.66
N HIS A 245 -3.83 16.23 9.40
CA HIS A 245 -3.38 17.04 8.26
C HIS A 245 -3.62 16.33 6.94
N LEU A 246 -3.81 15.02 6.98
CA LEU A 246 -4.22 14.34 5.75
C LEU A 246 -5.75 14.44 5.57
N PHE A 247 -6.48 14.29 6.68
CA PHE A 247 -7.94 14.29 6.69
C PHE A 247 -8.41 15.15 7.85
N PRO A 248 -8.88 16.36 7.51
CA PRO A 248 -9.06 17.48 8.43
C PRO A 248 -10.27 17.30 9.34
N LYS A 249 -11.11 16.32 9.02
CA LYS A 249 -12.25 16.01 9.87
C LYS A 249 -12.12 14.68 10.61
N THR A 250 -10.99 14.00 10.45
CA THR A 250 -10.78 12.76 11.21
C THR A 250 -9.87 12.97 12.42
N TYR A 251 -10.36 12.49 13.56
CA TYR A 251 -9.67 12.58 14.83
C TYR A 251 -9.34 11.15 15.24
N TYR A 252 -8.04 10.87 15.40
CA TYR A 252 -7.62 9.55 15.80
C TYR A 252 -7.68 9.40 17.31
N THR A 253 -8.70 8.71 17.79
CA THR A 253 -8.96 8.63 19.24
C THR A 253 -8.76 7.19 19.69
N PRO A 254 -8.81 6.95 21.01
CA PRO A 254 -8.80 5.56 21.47
C PRO A 254 -9.96 4.75 20.88
N SER A 255 -11.06 5.42 20.62
CA SER A 255 -12.19 4.83 19.89
C SER A 255 -11.82 4.46 18.46
N MET A 256 -11.16 5.36 17.77
CA MET A 256 -10.79 5.06 16.38
C MET A 256 -9.74 3.97 16.30
N ASP A 257 -8.79 4.00 17.24
CA ASP A 257 -7.69 3.06 17.28
C ASP A 257 -8.19 1.61 17.46
N GLU A 258 -9.23 1.46 18.27
CA GLU A 258 -9.78 0.15 18.54
C GLU A 258 -10.37 -0.39 17.27
N LYS A 259 -11.08 0.48 16.56
CA LYS A 259 -11.76 0.03 15.34
C LYS A 259 -10.69 -0.34 14.37
N MET A 260 -9.66 0.47 14.33
CA MET A 260 -8.56 0.24 13.45
C MET A 260 -7.86 -1.06 13.77
N GLU A 261 -7.63 -1.33 15.03
CA GLU A 261 -7.12 -2.64 15.42
C GLU A 261 -8.04 -3.81 14.97
N ASN A 262 -9.31 -3.76 15.33
CA ASN A 262 -10.28 -4.74 14.81
C ASN A 262 -10.21 -4.86 13.30
N LEU A 263 -10.10 -3.71 12.63
CA LEU A 263 -10.08 -3.64 11.19
C LEU A 263 -9.01 -4.58 10.64
N PHE A 264 -7.76 -4.32 11.01
CA PHE A 264 -6.63 -5.06 10.45
C PHE A 264 -6.67 -6.54 10.82
N ARG A 265 -6.95 -6.83 12.08
CA ARG A 265 -7.12 -8.21 12.54
C ARG A 265 -8.01 -9.01 11.60
N ASN A 266 -9.10 -8.39 11.18
CA ASN A 266 -10.15 -9.10 10.49
C ASN A 266 -10.01 -9.06 8.99
N ILE A 267 -9.12 -8.21 8.52
CA ILE A 267 -8.99 -8.02 7.08
C ILE A 267 -8.58 -9.28 6.31
N PRO A 268 -7.68 -10.11 6.88
CA PRO A 268 -7.24 -11.27 6.11
C PRO A 268 -8.31 -12.35 6.08
N TRP A 269 -9.08 -12.47 7.15
CA TRP A 269 -10.23 -13.38 7.20
C TRP A 269 -11.24 -12.99 6.13
N VAL A 270 -11.10 -11.79 5.56
CA VAL A 270 -12.02 -11.32 4.55
C VAL A 270 -11.46 -11.54 3.15
N GLU A 271 -10.16 -11.32 3.01
CA GLU A 271 -9.48 -11.62 1.76
C GLU A 271 -9.52 -13.12 1.56
N GLU A 272 -9.58 -13.82 2.69
CA GLU A 272 -9.73 -15.27 2.76
C GLU A 272 -11.07 -15.83 2.32
N ASN A 273 -12.14 -15.28 2.86
CA ASN A 273 -13.46 -15.80 2.58
C ASN A 273 -14.19 -15.05 1.44
N PHE A 274 -13.69 -13.87 1.06
CA PHE A 274 -14.44 -13.02 0.13
C PHE A 274 -13.68 -12.39 -1.05
N GLY A 275 -12.37 -12.54 -1.08
CA GLY A 275 -11.60 -12.03 -2.21
C GLY A 275 -10.71 -10.85 -1.85
N GLU A 276 -10.21 -10.15 -2.85
CA GLU A 276 -9.28 -9.05 -2.67
C GLU A 276 -9.86 -7.90 -1.86
N VAL A 277 -9.05 -7.32 -0.97
CA VAL A 277 -9.48 -6.18 -0.18
C VAL A 277 -8.56 -4.99 -0.42
N ASP A 278 -9.09 -3.91 -1.00
CA ASP A 278 -8.34 -2.68 -1.12
C ASP A 278 -8.17 -2.04 0.27
N ARG A 279 -6.96 -2.14 0.80
CA ARG A 279 -6.70 -1.69 2.15
C ARG A 279 -6.82 -0.18 2.32
N PHE A 280 -6.50 0.56 1.25
CA PHE A 280 -6.62 2.01 1.28
C PHE A 280 -8.09 2.41 1.60
N TYR A 281 -9.04 1.80 0.90
CA TYR A 281 -10.44 2.08 1.12
C TYR A 281 -10.99 1.49 2.43
N ALA A 282 -10.52 0.30 2.77
CA ALA A 282 -10.90 -0.30 4.04
C ALA A 282 -10.59 0.70 5.15
N VAL A 283 -9.36 1.22 5.13
CA VAL A 283 -8.95 2.19 6.16
C VAL A 283 -9.73 3.50 6.08
N LEU A 284 -10.16 3.87 4.89
CA LEU A 284 -10.93 5.11 4.76
C LEU A 284 -12.35 4.95 5.31
N HIS A 285 -12.87 3.73 5.22
CA HIS A 285 -14.19 3.44 5.81
C HIS A 285 -14.19 3.90 7.26
N VAL A 286 -13.05 3.75 7.94
CA VAL A 286 -12.94 4.18 9.33
C VAL A 286 -12.64 5.66 9.45
N PHE A 287 -11.56 6.10 8.83
CA PHE A 287 -11.15 7.50 8.85
C PHE A 287 -12.27 8.46 8.56
N LEU A 288 -13.10 8.09 7.60
CA LEU A 288 -14.07 9.02 7.07
C LEU A 288 -15.50 8.90 7.66
N GLU A 289 -15.65 8.11 8.71
CA GLU A 289 -16.93 8.09 9.41
C GLU A 289 -17.34 9.50 9.84
N PHE A 290 -18.62 9.81 9.63
CA PHE A 290 -19.26 11.01 10.20
C PHE A 290 -18.85 12.31 9.50
N TYR A 291 -18.36 12.16 8.28
CA TYR A 291 -17.96 13.30 7.48
C TYR A 291 -19.19 13.96 6.86
N ASP A 292 -19.27 15.26 7.03
CA ASP A 292 -20.28 16.06 6.38
C ASP A 292 -20.02 16.11 4.86
N ASP A 293 -21.02 16.45 4.10
CA ASP A 293 -20.98 16.41 2.67
C ASP A 293 -19.90 17.28 2.03
N GLU A 294 -19.65 18.44 2.57
CA GLU A 294 -18.65 19.34 2.03
C GLU A 294 -17.25 18.91 2.46
N SER A 295 -17.14 18.36 3.67
CA SER A 295 -15.87 17.81 4.12
C SER A 295 -15.54 16.61 3.24
N TRP A 296 -16.54 15.79 2.97
CA TRP A 296 -16.42 14.69 2.02
C TRP A 296 -15.99 15.13 0.61
N LYS A 297 -16.70 16.07 0.01
CA LYS A 297 -16.35 16.42 -1.36
C LYS A 297 -14.91 16.92 -1.45
N GLU A 298 -14.46 17.61 -0.41
CA GLU A 298 -13.11 18.15 -0.32
C GLU A 298 -12.11 17.01 -0.35
N VAL A 299 -12.42 15.99 0.43
CA VAL A 299 -11.55 14.85 0.52
C VAL A 299 -11.74 13.94 -0.69
N ARG A 300 -12.99 13.71 -1.07
CA ARG A 300 -13.22 12.90 -2.25
C ARG A 300 -12.38 13.42 -3.44
N ASP A 301 -12.27 14.73 -3.56
CA ASP A 301 -11.62 15.31 -4.73
C ASP A 301 -10.11 15.37 -4.58
N ARG A 302 -9.62 15.57 -3.35
CA ARG A 302 -8.19 15.73 -3.14
C ARG A 302 -7.41 14.43 -3.44
N TYR A 303 -7.84 13.35 -2.82
CA TYR A 303 -7.42 12.01 -3.12
C TYR A 303 -8.48 11.62 -4.07
N SER A 304 -8.27 10.75 -5.02
CA SER A 304 -9.35 10.57 -5.98
C SER A 304 -10.32 9.44 -5.72
N LEU A 305 -11.28 9.63 -4.82
CA LEU A 305 -12.15 8.58 -4.30
C LEU A 305 -13.42 8.36 -5.13
N ARG A 306 -13.97 7.16 -5.08
CA ARG A 306 -15.21 6.88 -5.75
C ARG A 306 -16.28 7.74 -5.16
N ARG A 307 -17.23 8.14 -5.97
CA ARG A 307 -18.26 9.04 -5.46
C ARG A 307 -19.19 8.34 -4.46
N ASN A 308 -19.48 7.09 -4.71
CA ASN A 308 -20.37 6.31 -3.90
C ASN A 308 -19.86 6.00 -2.52
N LEU A 309 -18.58 6.18 -2.28
CA LEU A 309 -17.92 5.70 -1.08
C LEU A 309 -18.53 6.26 0.19
N ILE A 310 -18.92 7.54 0.13
CA ILE A 310 -19.53 8.18 1.28
C ILE A 310 -20.85 7.49 1.61
N ASN A 311 -21.57 7.01 0.59
CA ASN A 311 -22.80 6.26 0.81
C ASN A 311 -22.57 4.99 1.65
N GLU A 312 -21.51 4.25 1.32
CA GLU A 312 -21.22 2.94 1.93
C GLU A 312 -20.72 3.06 3.36
N ILE A 313 -19.88 4.06 3.57
CA ILE A 313 -19.41 4.41 4.89
C ILE A 313 -20.60 4.75 5.76
N ARG A 314 -21.48 5.59 5.23
CA ARG A 314 -22.63 6.07 5.97
C ARG A 314 -23.58 4.94 6.31
N HIS A 315 -23.70 3.98 5.41
CA HIS A 315 -24.50 2.79 5.72
C HIS A 315 -23.96 2.13 6.98
N VAL A 316 -22.64 1.95 7.06
CA VAL A 316 -22.05 1.27 8.22
C VAL A 316 -22.14 2.14 9.47
N GLU A 317 -21.74 3.40 9.36
CA GLU A 317 -21.78 4.25 10.54
C GLU A 317 -23.18 4.37 11.10
N LYS A 318 -24.19 4.29 10.22
CA LYS A 318 -25.57 4.45 10.67
C LYS A 318 -26.15 3.14 11.19
N SER A 319 -25.83 2.03 10.53
CA SER A 319 -26.38 0.73 10.92
C SER A 319 -25.55 -0.01 11.95
N ALA A 320 -24.37 0.53 12.28
CA ALA A 320 -23.47 -0.14 13.22
C ALA A 320 -24.07 -0.33 14.62
N PRO A 321 -24.59 0.75 15.24
CA PRO A 321 -25.23 0.59 16.55
C PRO A 321 -26.32 -0.49 16.55
N ALA A 322 -27.14 -0.53 15.50
CA ALA A 322 -28.19 -1.55 15.38
C ALA A 322 -27.59 -2.96 15.26
N LEU A 323 -26.43 -3.03 14.62
CA LEU A 323 -25.83 -4.32 14.34
C LEU A 323 -25.33 -4.94 15.63
N LEU A 324 -24.71 -4.12 16.48
CA LEU A 324 -24.21 -4.60 17.76
C LEU A 324 -25.35 -5.21 18.57
N GLU A 325 -26.48 -4.50 18.61
CA GLU A 325 -27.62 -4.96 19.38
C GLU A 325 -28.12 -6.30 18.88
N MET A 326 -28.16 -6.48 17.55
CA MET A 326 -28.63 -7.73 16.95
C MET A 326 -27.70 -8.91 17.27
N LEU A 327 -26.41 -8.62 17.41
CA LEU A 327 -25.46 -9.69 17.71
C LEU A 327 -25.45 -10.00 19.21
N SER A 328 -25.96 -9.08 20.00
CA SER A 328 -26.08 -9.28 21.44
C SER A 328 -27.13 -10.35 21.72
N GLU A 329 -28.23 -10.27 20.96
CA GLU A 329 -29.38 -11.12 21.21
C GLU A 329 -29.43 -12.31 20.29
N ARG A 330 -28.34 -12.63 19.67
CA ARG A 330 -28.28 -13.86 18.95
C ARG A 330 -29.48 -13.92 18.02
N VAL A 331 -29.82 -12.79 17.46
CA VAL A 331 -30.87 -12.73 16.50
C VAL A 331 -30.48 -13.57 15.31
N PRO A 332 -31.47 -14.01 14.55
CA PRO A 332 -31.29 -14.91 13.41
C PRO A 332 -30.58 -14.31 12.21
N ALA A 333 -29.92 -15.14 11.41
CA ALA A 333 -29.20 -14.62 10.27
C ALA A 333 -30.09 -13.71 9.41
N SER A 334 -31.36 -14.08 9.28
CA SER A 334 -32.27 -13.34 8.40
C SER A 334 -32.32 -11.84 8.72
N PHE A 335 -32.00 -11.49 9.96
CA PHE A 335 -32.12 -10.10 10.43
C PHE A 335 -30.95 -9.18 10.11
N VAL A 336 -29.78 -9.77 9.87
CA VAL A 336 -28.61 -9.01 9.48
C VAL A 336 -28.39 -9.08 7.97
N TYR A 337 -29.30 -9.75 7.28
CA TYR A 337 -29.19 -9.83 5.83
C TYR A 337 -29.18 -8.44 5.25
N PRO A 338 -30.19 -7.63 5.58
CA PRO A 338 -30.35 -6.35 4.87
C PRO A 338 -29.17 -5.41 5.07
N LEU A 339 -28.35 -5.67 6.07
CA LEU A 339 -27.22 -4.78 6.38
C LEU A 339 -26.00 -5.05 5.50
N VAL A 340 -25.83 -6.32 5.11
CA VAL A 340 -24.66 -6.74 4.33
C VAL A 340 -25.03 -7.29 2.97
N LYS A 341 -26.29 -7.15 2.57
CA LYS A 341 -26.86 -7.90 1.45
C LYS A 341 -25.93 -8.08 0.24
N GLY A 342 -25.53 -6.99 -0.39
CA GLY A 342 -24.63 -7.09 -1.53
C GLY A 342 -23.60 -5.98 -1.45
N VAL A 343 -22.78 -6.03 -0.43
CA VAL A 343 -21.89 -4.93 -0.12
C VAL A 343 -20.46 -5.25 -0.47
N SER A 344 -19.66 -4.19 -0.59
CA SER A 344 -18.24 -4.34 -0.87
C SER A 344 -17.55 -5.09 0.26
N ASN A 345 -16.51 -5.82 -0.10
CA ASN A 345 -15.60 -6.38 0.89
C ASN A 345 -15.15 -5.35 1.89
N GLU A 346 -14.93 -4.12 1.42
CA GLU A 346 -14.43 -3.05 2.28
C GLU A 346 -15.46 -2.72 3.36
N THR A 347 -16.73 -2.67 2.96
CA THR A 347 -17.81 -2.44 3.89
C THR A 347 -17.85 -3.55 4.93
N ILE A 348 -17.50 -4.76 4.51
CA ILE A 348 -17.54 -5.89 5.41
C ILE A 348 -16.51 -5.66 6.50
N CYS A 349 -15.27 -5.44 6.08
CA CYS A 349 -14.18 -5.10 7.00
C CYS A 349 -14.63 -4.02 7.98
N HIS A 350 -15.26 -3.00 7.41
CA HIS A 350 -15.77 -1.86 8.16
C HIS A 350 -16.75 -2.35 9.24
N PHE A 351 -17.62 -3.29 8.89
CA PHE A 351 -18.45 -3.91 9.92
C PHE A 351 -17.58 -4.63 10.94
N LEU A 352 -16.59 -5.36 10.46
CA LEU A 352 -15.72 -6.07 11.38
C LEU A 352 -14.87 -5.14 12.26
N ALA A 353 -14.69 -3.90 11.83
CA ALA A 353 -13.90 -2.96 12.64
C ALA A 353 -14.57 -2.66 13.98
N TYR A 354 -15.86 -2.93 14.09
CA TYR A 354 -16.60 -2.61 15.30
C TYR A 354 -16.66 -3.79 16.28
N LEU A 355 -16.21 -4.97 15.87
CA LEU A 355 -16.38 -6.07 16.80
C LEU A 355 -15.19 -6.96 17.15
N SER A 356 -15.37 -7.66 18.26
CA SER A 356 -14.43 -8.64 18.76
C SER A 356 -15.24 -9.71 19.50
N GLY A 357 -14.54 -10.72 19.99
CA GLY A 357 -15.15 -11.78 20.77
C GLY A 357 -16.32 -12.51 20.13
N GLU A 358 -17.43 -12.52 20.86
CA GLU A 358 -18.59 -13.32 20.48
C GLU A 358 -19.34 -12.72 19.32
N LYS A 359 -19.47 -11.40 19.34
CA LYS A 359 -20.12 -10.69 18.27
C LYS A 359 -19.44 -10.85 16.93
N GLU A 360 -18.13 -10.81 16.94
CA GLU A 360 -17.33 -11.04 15.73
C GLU A 360 -17.51 -12.47 15.25
N GLY A 361 -17.25 -13.42 16.16
CA GLY A 361 -17.46 -14.83 15.86
C GLY A 361 -18.82 -15.17 15.26
N LEU A 362 -19.89 -14.64 15.81
CA LEU A 362 -21.20 -14.90 15.25
C LEU A 362 -21.44 -14.25 13.93
N PHE A 363 -21.31 -12.94 13.88
CA PHE A 363 -21.34 -12.18 12.63
C PHE A 363 -20.48 -12.81 11.54
N LYS A 364 -19.28 -13.30 11.89
CA LYS A 364 -18.40 -13.92 10.89
C LYS A 364 -19.09 -15.08 10.18
N SER A 365 -19.76 -15.95 10.91
CA SER A 365 -20.51 -17.02 10.28
C SER A 365 -21.78 -16.60 9.61
N TYR A 366 -22.54 -15.77 10.27
CA TYR A 366 -23.76 -15.29 9.62
C TYR A 366 -23.38 -14.85 8.21
N LEU A 367 -22.21 -14.24 8.10
CA LEU A 367 -21.66 -13.73 6.86
C LEU A 367 -21.40 -14.85 5.86
N LEU A 368 -20.87 -15.97 6.38
CA LEU A 368 -20.52 -17.11 5.55
C LEU A 368 -21.77 -17.86 5.14
N LYS A 369 -22.72 -17.83 6.04
CA LYS A 369 -24.00 -18.42 5.84
C LYS A 369 -24.64 -17.71 4.69
N ILE A 370 -24.50 -16.40 4.61
CA ILE A 370 -24.90 -15.61 3.46
C ILE A 370 -24.17 -15.79 2.14
N LYS A 371 -22.86 -15.96 2.23
CA LYS A 371 -22.01 -16.07 1.07
C LYS A 371 -22.34 -17.27 0.29
N ASN A 372 -22.61 -18.32 1.03
CA ASN A 372 -22.91 -19.62 0.50
C ASN A 372 -24.21 -19.90 1.12
N THR A 373 -24.97 -20.79 0.55
CA THR A 373 -26.15 -21.32 1.18
C THR A 373 -27.04 -20.12 1.27
N LYS A 374 -26.62 -19.19 0.47
CA LYS A 374 -27.43 -18.21 -0.17
C LYS A 374 -27.72 -19.01 -1.39
N LEU A 375 -28.34 -18.40 -2.38
CA LEU A 375 -28.47 -19.07 -3.64
C LEU A 375 -29.68 -19.98 -3.66
N GLU A 376 -30.71 -19.51 -4.31
CA GLU A 376 -31.91 -20.27 -4.51
C GLU A 376 -31.44 -21.46 -5.29
N LYS A 377 -32.02 -22.59 -5.01
CA LYS A 377 -31.63 -23.85 -5.60
C LYS A 377 -32.42 -24.20 -6.83
N ILE A 378 -33.72 -24.26 -6.64
CA ILE A 378 -34.63 -24.60 -7.73
C ILE A 378 -35.54 -23.44 -8.12
N ASN A 379 -36.10 -22.76 -7.12
CA ASN A 379 -37.06 -21.67 -7.35
C ASN A 379 -36.51 -20.48 -8.13
N GLY A 380 -37.01 -20.31 -9.35
CA GLY A 380 -36.83 -19.07 -10.05
C GLY A 380 -38.11 -18.26 -9.88
N GLU A 381 -38.10 -17.04 -10.38
CA GLU A 381 -39.31 -16.25 -10.55
C GLU A 381 -40.23 -17.04 -11.48
N TYR A 382 -39.62 -17.74 -12.43
CA TYR A 382 -40.34 -18.54 -13.39
C TYR A 382 -40.80 -19.91 -12.89
N LEU A 383 -40.25 -20.38 -11.78
CA LEU A 383 -40.81 -21.56 -11.13
C LEU A 383 -42.08 -21.08 -10.44
N ILE A 384 -42.10 -19.78 -10.13
CA ILE A 384 -43.22 -19.19 -9.43
C ILE A 384 -44.36 -18.80 -10.37
N ARG A 385 -44.05 -18.22 -11.53
CA ARG A 385 -45.09 -17.85 -12.47
C ARG A 385 -45.97 -19.04 -12.91
N LYS A 386 -45.53 -20.26 -12.61
CA LYS A 386 -46.39 -21.43 -12.77
C LYS A 386 -47.23 -21.63 -11.49
N GLY A 387 -48.18 -20.73 -11.26
CA GLY A 387 -49.02 -20.75 -10.08
C GLY A 387 -49.34 -19.37 -9.52
N ILE A 388 -48.59 -18.36 -9.96
CA ILE A 388 -48.67 -17.01 -9.37
C ILE A 388 -48.09 -15.93 -10.25
N THR A 389 -48.84 -14.86 -10.46
CA THR A 389 -48.38 -13.79 -11.34
C THR A 389 -47.46 -12.78 -10.64
N SER A 390 -47.14 -11.71 -11.37
CA SER A 390 -46.22 -10.66 -10.91
C SER A 390 -46.57 -10.08 -9.54
N GLY A 391 -45.62 -9.35 -8.95
CA GLY A 391 -44.31 -9.15 -9.54
C GLY A 391 -43.31 -8.71 -8.50
N LYS A 392 -43.70 -7.73 -7.71
CA LYS A 392 -43.00 -7.35 -6.52
C LYS A 392 -43.23 -8.52 -5.59
N ILE A 393 -44.39 -9.12 -5.75
CA ILE A 393 -44.91 -10.14 -4.83
C ILE A 393 -44.13 -11.44 -4.91
N ILE A 394 -43.68 -11.79 -6.12
CA ILE A 394 -42.86 -12.98 -6.30
C ILE A 394 -41.49 -12.74 -5.66
N GLY A 395 -40.88 -11.59 -5.96
CA GLY A 395 -39.63 -11.22 -5.35
C GLY A 395 -39.75 -11.28 -3.84
N GLU A 396 -40.81 -10.69 -3.32
CA GLU A 396 -41.11 -10.79 -1.90
C GLU A 396 -41.03 -12.25 -1.49
N VAL A 397 -41.77 -13.09 -2.20
CA VAL A 397 -41.78 -14.53 -1.94
C VAL A 397 -40.40 -15.15 -1.93
N LEU A 398 -39.62 -14.90 -2.99
CA LEU A 398 -38.28 -15.49 -3.12
C LEU A 398 -37.39 -15.14 -1.94
N GLU A 399 -37.48 -13.90 -1.48
CA GLU A 399 -36.64 -13.49 -0.36
C GLU A 399 -37.13 -14.06 0.96
N LYS A 400 -38.43 -14.23 1.12
CA LYS A 400 -38.95 -14.88 2.30
C LYS A 400 -38.49 -16.31 2.35
N ILE A 401 -38.47 -16.96 1.23
CA ILE A 401 -37.96 -18.32 1.18
C ILE A 401 -36.44 -18.38 1.44
N LEU A 402 -35.70 -17.53 0.74
CA LEU A 402 -34.27 -17.31 1.05
C LEU A 402 -34.08 -17.15 2.56
N MET A 403 -34.84 -16.21 3.13
CA MET A 403 -34.73 -15.83 4.53
C MET A 403 -35.10 -16.89 5.56
N LYS A 404 -36.25 -17.54 5.38
CA LYS A 404 -36.57 -18.69 6.20
C LYS A 404 -35.45 -19.72 6.01
N LYS A 405 -34.93 -19.80 4.81
CA LYS A 405 -33.82 -20.67 4.56
C LYS A 405 -32.52 -20.29 5.24
N LEU A 406 -32.23 -19.00 5.38
CA LEU A 406 -30.92 -18.62 5.93
C LEU A 406 -30.71 -19.09 7.37
N ASP A 407 -31.76 -18.97 8.16
CA ASP A 407 -31.93 -19.50 9.47
C ASP A 407 -31.86 -20.97 9.16
N GLY A 408 -32.38 -21.31 7.99
CA GLY A 408 -32.19 -22.63 7.41
C GLY A 408 -33.29 -23.66 7.58
N ASP A 409 -33.72 -24.19 6.44
CA ASP A 409 -34.51 -25.38 6.33
C ASP A 409 -33.86 -26.07 5.17
N THR A 410 -33.35 -27.24 5.43
CA THR A 410 -32.60 -28.01 4.47
C THR A 410 -33.39 -28.59 3.28
N ARG A 411 -34.69 -28.73 3.39
CA ARG A 411 -35.38 -29.34 2.26
C ARG A 411 -35.98 -28.29 1.32
N ASP A 412 -37.23 -28.43 0.90
CA ASP A 412 -37.74 -27.38 0.01
C ASP A 412 -39.20 -27.42 -0.32
N GLU A 413 -39.64 -26.49 -1.18
CA GLU A 413 -40.95 -26.55 -1.81
C GLU A 413 -42.11 -27.01 -1.00
N GLU A 414 -41.83 -27.03 0.31
CA GLU A 414 -42.64 -26.96 1.48
C GLU A 414 -42.47 -25.55 1.92
N GLU A 415 -41.25 -25.02 1.78
CA GLU A 415 -41.05 -23.66 2.21
C GLU A 415 -41.97 -22.68 1.48
N ILE A 416 -42.17 -22.91 0.20
CA ILE A 416 -43.07 -22.06 -0.58
C ILE A 416 -44.51 -22.20 -0.08
N LEU A 417 -44.94 -23.44 0.05
CA LEU A 417 -46.28 -23.69 0.45
C LEU A 417 -46.39 -23.11 1.84
N GLU A 418 -45.32 -23.31 2.60
CA GLU A 418 -45.31 -22.91 3.99
C GLU A 418 -45.47 -21.44 4.16
N GLU A 419 -44.83 -20.66 3.31
CA GLU A 419 -44.90 -19.23 3.51
C GLU A 419 -46.04 -18.54 2.75
N VAL A 420 -46.64 -19.23 1.81
CA VAL A 420 -47.80 -18.66 1.10
C VAL A 420 -48.99 -18.82 2.03
N LEU A 421 -48.90 -19.81 2.90
CA LEU A 421 -49.82 -19.96 4.02
C LEU A 421 -49.66 -18.79 4.99
N ALA A 422 -48.42 -18.40 5.25
CA ALA A 422 -48.15 -17.22 6.08
C ALA A 422 -48.80 -15.97 5.45
N SER A 423 -48.71 -15.86 4.13
CA SER A 423 -49.27 -14.73 3.40
C SER A 423 -50.77 -14.57 3.58
N LEU A 424 -51.43 -15.69 3.92
CA LEU A 424 -52.85 -15.67 4.25
C LEU A 424 -53.03 -15.59 5.76
#